data_5JO8
#
_entry.id   5JO8
#
_cell.length_a   48.360
_cell.length_b   57.220
_cell.length_c   102.960
_cell.angle_alpha   90.00
_cell.angle_beta   90.00
_cell.angle_gamma   90.00
#
_symmetry.space_group_name_H-M   'P 2 21 21'
#
loop_
_entity.id
_entity.type
_entity.pdbx_description
1 polymer CEP104
2 water water
#
_entity_poly.entity_id   1
_entity_poly.type   'polypeptide(L)'
_entity_poly.pdbx_seq_one_letter_code
;MGSSHHHHHHSSGLVPRGSHMEPEPLSEKALREASPAIEVFGEALVSGAYSKSWSYREDALLAVYKKLMEMSVSTPKEDL
RNMLRAAIFLVRRAIKDIVSSVFQASLKLLKMIITQYVPKHKLGKLETSHCVEKTLPGLLSRTGDSSSRLRIVAAKFIQE
MALWSEVKPLQIVPVHLVQLLKPNSPTHLAMSRVELVECLLKEMGTENSGFTISNVMKFATGALEHRVYEVRDVALRIIF
GMYRKHKAAILEYLPPDDASIRKTVLYKTLFDGFTKIDG
;
_entity_poly.pdbx_strand_id   A
#
# COMPACT_ATOMS: atom_id res chain seq x y z
N GLU A 22 24.65 -12.06 -21.26
CA GLU A 22 24.49 -12.11 -19.81
C GLU A 22 24.27 -10.73 -19.21
N PRO A 23 23.51 -10.68 -18.11
CA PRO A 23 23.42 -9.44 -17.33
C PRO A 23 24.76 -9.15 -16.66
N GLU A 24 25.01 -7.91 -16.27
CA GLU A 24 26.28 -7.56 -15.65
C GLU A 24 26.42 -8.23 -14.28
N PRO A 25 27.66 -8.43 -13.82
CA PRO A 25 27.86 -9.10 -12.54
C PRO A 25 27.27 -8.31 -11.38
N LEU A 26 26.83 -9.03 -10.35
CA LEU A 26 26.32 -8.43 -9.13
C LEU A 26 27.45 -7.78 -8.34
N SER A 27 27.22 -6.56 -7.86
CA SER A 27 28.16 -5.89 -6.98
C SER A 27 28.34 -6.73 -5.72
N GLU A 28 29.41 -6.47 -4.97
CA GLU A 28 29.65 -7.20 -3.73
C GLU A 28 28.54 -6.94 -2.73
N LYS A 29 28.01 -5.73 -2.76
CA LYS A 29 26.88 -5.35 -1.91
C LYS A 29 25.68 -6.25 -2.20
N ALA A 30 25.39 -6.45 -3.48
CA ALA A 30 24.23 -7.22 -3.91
C ALA A 30 24.30 -8.70 -3.58
N LEU A 31 25.49 -9.29 -3.68
CA LEU A 31 25.65 -10.72 -3.42
C LEU A 31 25.21 -11.14 -2.02
N ARG A 32 25.62 -10.37 -1.00
CA ARG A 32 25.25 -10.70 0.37
C ARG A 32 23.77 -10.45 0.63
N GLU A 33 23.29 -9.28 0.24
CA GLU A 33 21.90 -8.91 0.51
C GLU A 33 20.92 -9.84 -0.22
N ALA A 34 21.27 -10.22 -1.44
CA ALA A 34 20.40 -11.10 -2.22
C ALA A 34 20.71 -12.59 -2.07
N SER A 35 21.51 -12.95 -1.06
CA SER A 35 21.89 -14.36 -0.84
C SER A 35 20.70 -15.33 -0.78
N PRO A 36 19.67 -15.03 0.04
CA PRO A 36 18.55 -15.96 0.09
C PRO A 36 17.85 -16.11 -1.26
N ALA A 37 17.72 -15.01 -1.99
CA ALA A 37 17.15 -15.03 -3.33
C ALA A 37 18.02 -15.82 -4.31
N ILE A 38 19.34 -15.67 -4.18
CA ILE A 38 20.28 -16.41 -5.02
C ILE A 38 20.18 -17.89 -4.72
N GLU A 39 20.04 -18.23 -3.44
CA GLU A 39 19.89 -19.61 -3.01
C GLU A 39 18.66 -20.27 -3.63
N VAL A 40 17.62 -19.47 -3.84
CA VAL A 40 16.36 -20.00 -4.35
C VAL A 40 16.31 -19.99 -5.87
N PHE A 41 16.75 -18.88 -6.47
CA PHE A 41 16.58 -18.70 -7.92
C PHE A 41 17.83 -18.84 -8.76
N GLY A 42 18.99 -18.84 -8.13
CA GLY A 42 20.24 -18.85 -8.87
C GLY A 42 20.75 -17.45 -9.15
N GLU A 43 22.06 -17.33 -9.31
CA GLU A 43 22.67 -16.03 -9.49
C GLU A 43 22.31 -15.38 -10.83
N ALA A 44 22.11 -16.18 -11.86
CA ALA A 44 21.80 -15.65 -13.20
C ALA A 44 20.51 -14.84 -13.18
N LEU A 45 19.45 -15.41 -12.59
CA LEU A 45 18.18 -14.72 -12.49
C LEU A 45 18.31 -13.45 -11.66
N VAL A 46 18.95 -13.55 -10.51
CA VAL A 46 19.09 -12.38 -9.63
C VAL A 46 19.90 -11.28 -10.31
N SER A 47 20.97 -11.67 -11.01
CA SER A 47 21.74 -10.71 -11.77
C SER A 47 20.85 -9.98 -12.78
N GLY A 48 19.92 -10.72 -13.39
CA GLY A 48 18.95 -10.09 -14.28
C GLY A 48 18.08 -9.07 -13.55
N ALA A 49 17.57 -9.45 -12.38
CA ALA A 49 16.74 -8.54 -11.58
C ALA A 49 17.48 -7.25 -11.18
N TYR A 50 18.79 -7.34 -11.02
CA TYR A 50 19.60 -6.19 -10.61
C TYR A 50 20.19 -5.45 -11.80
N SER A 51 19.91 -5.92 -13.01
CA SER A 51 20.55 -5.38 -14.21
C SER A 51 20.17 -3.92 -14.48
N LYS A 52 21.11 -3.18 -15.09
CA LYS A 52 20.81 -1.82 -15.52
C LYS A 52 19.94 -1.83 -16.77
N SER A 53 19.82 -3.00 -17.40
CA SER A 53 18.95 -3.17 -18.55
C SER A 53 17.52 -3.51 -18.11
N TRP A 54 16.56 -2.67 -18.46
CA TRP A 54 15.19 -2.87 -18.01
C TRP A 54 14.57 -4.19 -18.50
N SER A 55 14.95 -4.65 -19.68
CA SER A 55 14.39 -5.89 -20.22
C SER A 55 14.85 -7.09 -19.42
N TYR A 56 16.09 -7.05 -18.93
CA TYR A 56 16.60 -8.13 -18.08
C TYR A 56 15.84 -8.15 -16.76
N ARG A 57 15.50 -6.97 -16.25
CA ARG A 57 14.78 -6.89 -14.98
C ARG A 57 13.37 -7.44 -15.15
N GLU A 58 12.68 -7.01 -16.21
CA GLU A 58 11.34 -7.53 -16.47
C GLU A 58 11.38 -9.04 -16.71
N ASP A 59 12.32 -9.50 -17.51
CA ASP A 59 12.47 -10.93 -17.77
C ASP A 59 12.69 -11.70 -16.47
N ALA A 60 13.51 -11.16 -15.57
CA ALA A 60 13.78 -11.85 -14.31
C ALA A 60 12.51 -12.01 -13.47
N LEU A 61 11.74 -10.95 -13.37
CA LEU A 61 10.50 -11.00 -12.60
C LEU A 61 9.46 -11.95 -13.20
N LEU A 62 9.37 -11.95 -14.54
CA LEU A 62 8.48 -12.89 -15.22
C LEU A 62 8.97 -14.33 -15.07
N ALA A 63 10.28 -14.52 -14.98
CA ALA A 63 10.82 -15.86 -14.74
C ALA A 63 10.49 -16.35 -13.34
N VAL A 64 10.51 -15.43 -12.37
CA VAL A 64 10.15 -15.76 -11.00
C VAL A 64 8.68 -16.14 -10.97
N TYR A 65 7.84 -15.37 -11.67
CA TYR A 65 6.43 -15.69 -11.78
C TYR A 65 6.25 -17.11 -12.32
N LYS A 66 6.92 -17.42 -13.41
CA LYS A 66 6.84 -18.76 -13.97
C LYS A 66 7.33 -19.86 -12.99
N LYS A 67 8.46 -19.63 -12.34
CA LYS A 67 9.03 -20.62 -11.43
C LYS A 67 8.06 -20.91 -10.28
N LEU A 68 7.51 -19.87 -9.67
CA LEU A 68 6.55 -20.08 -8.59
C LEU A 68 5.25 -20.73 -9.06
N MET A 69 4.71 -20.31 -10.21
CA MET A 69 3.46 -20.87 -10.73
C MET A 69 3.58 -22.37 -11.02
N GLU A 70 4.78 -22.80 -11.39
CA GLU A 70 4.98 -24.19 -11.81
C GLU A 70 5.44 -25.12 -10.68
N MET A 71 5.58 -24.58 -9.47
CA MET A 71 5.96 -25.42 -8.33
C MET A 71 4.85 -26.43 -8.02
N SER A 72 5.21 -27.70 -7.99
N SER A 72 5.22 -27.71 -7.99
CA SER A 72 4.23 -28.75 -7.71
CA SER A 72 4.28 -28.77 -7.68
C SER A 72 3.82 -28.68 -6.25
C SER A 72 3.82 -28.69 -6.23
N VAL A 73 2.60 -29.15 -5.96
CA VAL A 73 2.08 -29.15 -4.59
C VAL A 73 2.86 -30.07 -3.66
N SER A 74 3.64 -30.99 -4.23
CA SER A 74 4.43 -31.91 -3.43
C SER A 74 5.73 -31.29 -2.92
N THR A 75 6.01 -30.05 -3.33
CA THR A 75 7.21 -29.37 -2.87
C THR A 75 7.13 -29.19 -1.36
N PRO A 76 8.23 -29.48 -0.63
CA PRO A 76 8.22 -29.29 0.83
C PRO A 76 7.83 -27.88 1.19
N LYS A 77 7.03 -27.73 2.24
CA LYS A 77 6.51 -26.41 2.62
C LYS A 77 7.60 -25.39 2.90
N GLU A 78 8.72 -25.83 3.46
CA GLU A 78 9.81 -24.93 3.81
C GLU A 78 10.42 -24.33 2.54
N ASP A 79 10.54 -25.14 1.50
CA ASP A 79 11.04 -24.70 0.21
C ASP A 79 10.08 -23.70 -0.42
N LEU A 80 8.79 -24.00 -0.37
CA LEU A 80 7.79 -23.05 -0.85
C LEU A 80 7.81 -21.74 -0.09
N ARG A 81 8.01 -21.78 1.23
CA ARG A 81 8.11 -20.54 2.01
C ARG A 81 9.34 -19.74 1.62
N ASN A 82 10.48 -20.41 1.55
CA ASN A 82 11.73 -19.73 1.18
C ASN A 82 11.61 -19.10 -0.21
N MET A 83 10.94 -19.80 -1.11
CA MET A 83 10.75 -19.27 -2.45
C MET A 83 9.87 -18.03 -2.44
N LEU A 84 8.80 -18.05 -1.63
CA LEU A 84 7.95 -16.89 -1.49
C LEU A 84 8.75 -15.73 -0.93
N ARG A 85 9.54 -15.98 0.12
CA ARG A 85 10.28 -14.90 0.72
C ARG A 85 11.30 -14.30 -0.26
N ALA A 86 11.94 -15.15 -1.04
CA ALA A 86 12.90 -14.68 -2.03
C ALA A 86 12.20 -13.88 -3.13
N ALA A 87 11.02 -14.33 -3.54
CA ALA A 87 10.26 -13.62 -4.57
C ALA A 87 9.84 -12.25 -4.08
N ILE A 88 9.39 -12.17 -2.83
CA ILE A 88 8.97 -10.91 -2.22
C ILE A 88 10.16 -9.95 -2.09
N PHE A 89 11.34 -10.48 -1.78
CA PHE A 89 12.55 -9.68 -1.76
C PHE A 89 12.74 -8.98 -3.11
N LEU A 90 12.57 -9.71 -4.20
CA LEU A 90 12.73 -9.14 -5.54
C LEU A 90 11.58 -8.19 -5.89
N VAL A 91 10.37 -8.53 -5.47
CA VAL A 91 9.20 -7.66 -5.66
C VAL A 91 9.42 -6.31 -4.99
N ARG A 92 9.92 -6.34 -3.77
CA ARG A 92 10.09 -5.12 -2.97
C ARG A 92 11.04 -4.16 -3.68
N ARG A 93 12.10 -4.71 -4.27
CA ARG A 93 13.04 -3.91 -5.06
C ARG A 93 12.37 -3.32 -6.30
N ALA A 94 11.65 -4.15 -7.02
CA ALA A 94 11.09 -3.77 -8.32
C ALA A 94 9.91 -2.81 -8.23
N ILE A 95 9.29 -2.73 -7.06
CA ILE A 95 8.22 -1.76 -6.80
C ILE A 95 8.77 -0.35 -6.94
N LYS A 96 10.08 -0.17 -6.73
CA LYS A 96 10.73 1.13 -6.91
C LYS A 96 11.12 1.43 -8.37
N ASP A 97 10.88 0.52 -9.30
CA ASP A 97 11.41 0.71 -10.64
C ASP A 97 10.78 1.85 -11.43
N ILE A 98 11.63 2.61 -12.09
CA ILE A 98 11.20 3.76 -12.87
C ILE A 98 10.54 3.32 -14.17
N VAL A 99 10.85 2.11 -14.62
CA VAL A 99 10.31 1.58 -15.88
C VAL A 99 9.01 0.83 -15.68
N SER A 100 7.96 1.27 -16.38
CA SER A 100 6.62 0.75 -16.17
C SER A 100 6.50 -0.76 -16.37
N SER A 101 7.15 -1.30 -17.40
CA SER A 101 7.04 -2.73 -17.66
C SER A 101 7.61 -3.54 -16.50
N VAL A 102 8.68 -3.02 -15.90
CA VAL A 102 9.30 -3.71 -14.75
C VAL A 102 8.39 -3.60 -13.53
N PHE A 103 7.88 -2.41 -13.27
CA PHE A 103 6.95 -2.18 -12.17
C PHE A 103 5.72 -3.09 -12.32
N GLN A 104 5.17 -3.15 -13.52
CA GLN A 104 3.99 -3.97 -13.77
C GLN A 104 4.28 -5.46 -13.56
N ALA A 105 5.46 -5.92 -13.95
CA ALA A 105 5.81 -7.31 -13.74
C ALA A 105 5.87 -7.58 -12.24
N SER A 106 6.34 -6.60 -11.46
CA SER A 106 6.40 -6.80 -10.01
C SER A 106 5.01 -6.90 -9.41
N LEU A 107 4.07 -6.12 -9.92
CA LEU A 107 2.70 -6.17 -9.43
C LEU A 107 2.04 -7.49 -9.81
N LYS A 108 2.29 -7.96 -11.03
CA LYS A 108 1.76 -9.23 -11.50
C LYS A 108 2.24 -10.35 -10.57
N LEU A 109 3.52 -10.30 -10.23
CA LEU A 109 4.13 -11.32 -9.39
C LEU A 109 3.54 -11.24 -7.98
N LEU A 110 3.47 -10.03 -7.43
CA LEU A 110 2.93 -9.84 -6.09
C LEU A 110 1.47 -10.32 -5.98
N LYS A 111 0.65 -9.94 -6.95
CA LYS A 111 -0.75 -10.37 -6.93
C LYS A 111 -0.87 -11.89 -7.03
N MET A 112 -0.06 -12.50 -7.88
CA MET A 112 -0.05 -13.95 -8.02
C MET A 112 0.35 -14.64 -6.70
N ILE A 113 1.36 -14.11 -6.02
CA ILE A 113 1.82 -14.75 -4.79
C ILE A 113 0.70 -14.76 -3.77
N ILE A 114 0.05 -13.61 -3.61
CA ILE A 114 -1.00 -13.45 -2.61
C ILE A 114 -2.28 -14.21 -2.95
N THR A 115 -2.73 -14.11 -4.20
CA THR A 115 -4.04 -14.61 -4.56
C THR A 115 -4.03 -16.04 -5.09
N GLN A 116 -2.86 -16.54 -5.46
CA GLN A 116 -2.79 -17.89 -6.04
C GLN A 116 -1.85 -18.82 -5.29
N TYR A 117 -0.62 -18.38 -5.08
CA TYR A 117 0.45 -19.24 -4.55
C TYR A 117 0.22 -19.63 -3.10
N VAL A 118 0.06 -18.64 -2.23
CA VAL A 118 -0.24 -18.94 -0.83
C VAL A 118 -1.45 -19.88 -0.66
N PRO A 119 -2.60 -19.59 -1.29
CA PRO A 119 -3.71 -20.53 -1.14
C PRO A 119 -3.47 -21.90 -1.77
N LYS A 120 -2.82 -21.94 -2.93
CA LYS A 120 -2.53 -23.20 -3.61
C LYS A 120 -1.75 -24.14 -2.68
N HIS A 121 -0.77 -23.58 -1.97
CA HIS A 121 0.16 -24.36 -1.16
C HIS A 121 -0.17 -24.37 0.33
N LYS A 122 -1.31 -23.75 0.67
CA LYS A 122 -1.81 -23.70 2.05
C LYS A 122 -0.76 -23.20 3.02
N LEU A 123 -0.04 -22.15 2.64
CA LEU A 123 1.09 -21.67 3.44
C LEU A 123 0.66 -20.90 4.69
N GLY A 124 -0.58 -20.42 4.69
CA GLY A 124 -1.10 -19.73 5.87
C GLY A 124 -1.04 -18.23 5.75
N LYS A 125 -1.87 -17.56 6.56
CA LYS A 125 -2.06 -16.11 6.42
C LYS A 125 -0.89 -15.32 6.97
N LEU A 126 -0.02 -15.95 7.75
CA LEU A 126 1.24 -15.29 8.14
C LEU A 126 2.05 -14.92 6.90
N GLU A 127 2.06 -15.82 5.90
CA GLU A 127 2.80 -15.55 4.68
C GLU A 127 2.14 -14.43 3.89
N THR A 128 0.81 -14.44 3.84
CA THR A 128 0.08 -13.35 3.17
C THR A 128 0.43 -12.03 3.82
N SER A 129 0.44 -12.02 5.15
N SER A 129 0.48 -12.02 5.15
CA SER A 129 0.78 -10.83 5.92
CA SER A 129 0.77 -10.80 5.91
C SER A 129 2.17 -10.32 5.57
C SER A 129 2.18 -10.30 5.63
N HIS A 130 3.15 -11.22 5.53
CA HIS A 130 4.50 -10.87 5.14
C HIS A 130 4.51 -10.20 3.75
N CYS A 131 3.76 -10.76 2.80
CA CYS A 131 3.74 -10.19 1.44
C CYS A 131 3.25 -8.75 1.45
N VAL A 132 2.17 -8.51 2.19
CA VAL A 132 1.59 -7.16 2.25
C VAL A 132 2.52 -6.22 3.00
N GLU A 133 3.02 -6.63 4.17
CA GLU A 133 3.85 -5.74 4.98
C GLU A 133 5.14 -5.34 4.28
N LYS A 134 5.70 -6.24 3.48
CA LYS A 134 6.97 -5.95 2.82
C LYS A 134 6.83 -5.08 1.58
N THR A 135 5.62 -4.99 1.05
CA THR A 135 5.41 -4.29 -0.21
C THR A 135 4.57 -3.01 -0.12
N LEU A 136 3.63 -2.98 0.81
CA LEU A 136 2.75 -1.82 0.93
C LEU A 136 3.50 -0.49 1.11
N PRO A 137 4.55 -0.45 1.94
CA PRO A 137 5.24 0.85 2.07
C PRO A 137 5.82 1.35 0.75
N GLY A 138 6.42 0.45 -0.02
CA GLY A 138 6.93 0.83 -1.31
C GLY A 138 5.84 1.24 -2.29
N LEU A 139 4.71 0.54 -2.26
CA LEU A 139 3.60 0.88 -3.14
C LEU A 139 3.08 2.26 -2.79
N LEU A 140 2.98 2.53 -1.49
CA LEU A 140 2.54 3.85 -1.05
C LEU A 140 3.49 4.95 -1.50
N SER A 141 4.79 4.66 -1.50
N SER A 141 4.79 4.68 -1.46
CA SER A 141 5.79 5.63 -1.93
CA SER A 141 5.77 5.65 -1.94
C SER A 141 5.61 6.03 -3.40
C SER A 141 5.53 6.04 -3.38
N ARG A 142 5.15 5.09 -4.22
CA ARG A 142 4.94 5.35 -5.64
C ARG A 142 3.70 6.22 -5.87
N THR A 143 2.78 6.23 -4.90
CA THR A 143 1.62 7.12 -5.03
C THR A 143 2.01 8.58 -4.84
N GLY A 144 3.28 8.83 -4.50
CA GLY A 144 3.82 10.18 -4.45
C GLY A 144 4.55 10.59 -5.72
N ASP A 145 4.52 9.74 -6.74
CA ASP A 145 5.21 10.01 -8.00
C ASP A 145 4.76 11.32 -8.63
N SER A 146 5.66 11.98 -9.35
CA SER A 146 5.32 13.26 -9.99
C SER A 146 4.40 13.12 -11.22
N SER A 147 4.29 11.91 -11.73
N SER A 147 4.29 11.91 -11.73
CA SER A 147 3.41 11.65 -12.87
CA SER A 147 3.41 11.63 -12.87
C SER A 147 2.08 11.03 -12.43
C SER A 147 2.09 11.02 -12.43
N SER A 148 0.99 11.67 -12.80
CA SER A 148 -0.35 11.23 -12.43
C SER A 148 -0.64 9.79 -12.84
N ARG A 149 -0.14 9.38 -13.99
CA ARG A 149 -0.38 8.03 -14.48
C ARG A 149 0.05 7.01 -13.44
N LEU A 150 1.26 7.19 -12.92
CA LEU A 150 1.81 6.21 -12.00
C LEU A 150 1.15 6.30 -10.63
N ARG A 151 0.83 7.52 -10.19
CA ARG A 151 0.14 7.68 -8.90
C ARG A 151 -1.18 6.91 -8.90
N ILE A 152 -1.86 6.95 -10.03
CA ILE A 152 -3.14 6.30 -10.18
C ILE A 152 -2.96 4.79 -10.23
N VAL A 153 -1.98 4.33 -11.00
CA VAL A 153 -1.70 2.89 -11.09
C VAL A 153 -1.43 2.34 -9.70
N ALA A 154 -0.54 3.00 -8.97
CA ALA A 154 -0.15 2.50 -7.67
C ALA A 154 -1.32 2.54 -6.69
N ALA A 155 -2.08 3.63 -6.69
CA ALA A 155 -3.19 3.73 -5.75
C ALA A 155 -4.27 2.71 -6.06
N LYS A 156 -4.53 2.46 -7.33
CA LYS A 156 -5.54 1.48 -7.74
C LYS A 156 -5.11 0.09 -7.32
N PHE A 157 -3.82 -0.19 -7.46
CA PHE A 157 -3.33 -1.51 -7.02
C PHE A 157 -3.52 -1.66 -5.51
N ILE A 158 -3.22 -0.62 -4.74
CA ILE A 158 -3.42 -0.68 -3.29
C ILE A 158 -4.89 -0.90 -2.96
N GLN A 159 -5.75 -0.17 -3.66
CA GLN A 159 -7.19 -0.30 -3.49
C GLN A 159 -7.64 -1.74 -3.73
N GLU A 160 -7.16 -2.34 -4.82
CA GLU A 160 -7.54 -3.71 -5.19
C GLU A 160 -6.97 -4.71 -4.18
N MET A 161 -5.72 -4.50 -3.79
N MET A 161 -5.72 -4.50 -3.76
CA MET A 161 -5.09 -5.36 -2.79
CA MET A 161 -5.10 -5.40 -2.81
C MET A 161 -5.92 -5.42 -1.53
C MET A 161 -5.84 -5.41 -1.48
N ALA A 162 -6.32 -4.24 -1.04
CA ALA A 162 -7.07 -4.14 0.21
C ALA A 162 -8.35 -4.98 0.22
N LEU A 163 -8.92 -5.19 -0.96
CA LEU A 163 -10.21 -5.87 -1.08
C LEU A 163 -10.13 -7.34 -1.51
N TRP A 164 -8.93 -7.83 -1.83
CA TRP A 164 -8.77 -9.24 -2.16
C TRP A 164 -9.19 -10.10 -0.99
N SER A 165 -9.90 -11.18 -1.28
CA SER A 165 -10.40 -12.07 -0.23
C SER A 165 -9.30 -12.59 0.70
N GLU A 166 -8.08 -12.76 0.17
CA GLU A 166 -6.96 -13.21 0.99
C GLU A 166 -6.44 -12.12 1.92
N VAL A 167 -6.65 -10.86 1.57
CA VAL A 167 -6.02 -9.75 2.26
C VAL A 167 -6.96 -9.01 3.19
N LYS A 168 -8.20 -8.80 2.74
CA LYS A 168 -9.19 -8.09 3.55
C LYS A 168 -9.30 -8.53 5.03
N PRO A 169 -9.38 -9.86 5.30
CA PRO A 169 -9.52 -10.25 6.71
C PRO A 169 -8.29 -9.93 7.59
N LEU A 170 -7.15 -9.63 6.99
CA LEU A 170 -5.94 -9.29 7.74
C LEU A 170 -6.01 -7.89 8.35
N GLN A 171 -6.86 -7.04 7.79
CA GLN A 171 -7.05 -5.67 8.28
C GLN A 171 -5.74 -4.89 8.38
N ILE A 172 -4.87 -5.08 7.39
CA ILE A 172 -3.53 -4.50 7.38
C ILE A 172 -3.57 -3.17 6.64
N VAL A 173 -4.17 -3.21 5.45
CA VAL A 173 -4.10 -2.05 4.58
C VAL A 173 -4.73 -0.80 5.21
N PRO A 174 -5.95 -0.91 5.76
CA PRO A 174 -6.54 0.31 6.35
C PRO A 174 -5.71 0.93 7.47
N VAL A 175 -5.15 0.07 8.32
CA VAL A 175 -4.34 0.54 9.43
C VAL A 175 -3.09 1.28 8.95
N HIS A 176 -2.44 0.75 7.92
CA HIS A 176 -1.30 1.42 7.33
C HIS A 176 -1.71 2.78 6.77
N LEU A 177 -2.86 2.83 6.11
CA LEU A 177 -3.33 4.06 5.47
C LEU A 177 -3.66 5.21 6.43
N VAL A 178 -4.08 4.88 7.66
CA VAL A 178 -4.44 5.90 8.65
C VAL A 178 -3.32 6.34 9.58
N GLN A 179 -2.09 5.93 9.28
CA GLN A 179 -0.98 6.37 10.09
C GLN A 179 -0.72 7.86 9.88
N LEU A 180 -0.07 8.50 10.82
CA LEU A 180 0.14 9.95 10.81
C LEU A 180 0.64 10.48 9.47
N LEU A 181 0.03 11.55 9.01
CA LEU A 181 0.49 12.27 7.82
C LEU A 181 1.09 13.58 8.31
N LYS A 182 2.39 13.78 8.09
CA LYS A 182 3.05 15.01 8.52
C LYS A 182 2.51 16.20 7.73
N PRO A 183 2.38 17.35 8.40
CA PRO A 183 1.79 18.56 7.78
C PRO A 183 2.60 19.08 6.60
N ASN A 184 3.88 18.72 6.57
CA ASN A 184 4.79 19.17 5.53
C ASN A 184 5.09 18.06 4.52
N SER A 185 4.40 16.93 4.65
CA SER A 185 4.58 15.81 3.72
C SER A 185 4.36 16.24 2.28
N PRO A 186 5.08 15.60 1.34
CA PRO A 186 4.97 15.95 -0.08
C PRO A 186 3.52 15.92 -0.57
N THR A 187 3.16 16.91 -1.37
CA THR A 187 1.78 17.10 -1.78
C THR A 187 1.17 15.89 -2.48
N HIS A 188 1.85 15.35 -3.48
CA HIS A 188 1.30 14.20 -4.20
C HIS A 188 1.09 13.00 -3.28
N LEU A 189 2.09 12.73 -2.45
CA LEU A 189 2.01 11.66 -1.47
C LEU A 189 0.83 11.87 -0.52
N ALA A 190 0.67 13.10 -0.03
CA ALA A 190 -0.37 13.38 0.94
C ALA A 190 -1.75 13.27 0.30
N MET A 191 -1.88 13.82 -0.89
N MET A 191 -1.88 13.80 -0.90
CA MET A 191 -3.13 13.75 -1.62
CA MET A 191 -3.15 13.74 -1.60
C MET A 191 -3.55 12.31 -1.89
C MET A 191 -3.55 12.30 -1.87
N SER A 192 -2.60 11.49 -2.33
CA SER A 192 -2.88 10.10 -2.59
C SER A 192 -3.33 9.39 -1.34
N ARG A 193 -2.70 9.74 -0.22
CA ARG A 193 -3.06 9.08 1.03
C ARG A 193 -4.46 9.44 1.48
N VAL A 194 -4.82 10.73 1.47
CA VAL A 194 -6.17 11.09 1.89
C VAL A 194 -7.22 10.51 0.95
N GLU A 195 -6.92 10.48 -0.34
CA GLU A 195 -7.87 9.95 -1.30
C GLU A 195 -8.06 8.44 -1.14
N LEU A 196 -6.98 7.74 -0.84
CA LEU A 196 -7.05 6.29 -0.57
C LEU A 196 -7.93 5.98 0.63
N VAL A 197 -7.73 6.73 1.71
CA VAL A 197 -8.56 6.56 2.89
C VAL A 197 -10.01 6.86 2.54
N GLU A 198 -10.27 7.98 1.88
CA GLU A 198 -11.64 8.37 1.57
C GLU A 198 -12.32 7.28 0.75
N CYS A 199 -11.59 6.79 -0.24
CA CYS A 199 -12.13 5.80 -1.17
C CYS A 199 -12.39 4.47 -0.47
N LEU A 200 -11.38 3.96 0.23
CA LEU A 200 -11.54 2.66 0.89
C LEU A 200 -12.51 2.70 2.06
N LEU A 201 -12.57 3.82 2.76
CA LEU A 201 -13.53 3.97 3.85
C LEU A 201 -14.97 3.87 3.33
N LYS A 202 -15.27 4.56 2.24
CA LYS A 202 -16.59 4.49 1.65
C LYS A 202 -16.97 3.05 1.31
N GLU A 203 -16.04 2.36 0.66
CA GLU A 203 -16.27 1.00 0.18
C GLU A 203 -16.33 -0.04 1.31
N MET A 204 -15.50 0.11 2.33
CA MET A 204 -15.31 -0.94 3.33
C MET A 204 -16.04 -0.69 4.63
N GLY A 205 -16.27 0.58 4.96
CA GLY A 205 -16.91 0.94 6.22
C GLY A 205 -16.02 0.70 7.41
N THR A 206 -16.62 0.65 8.60
CA THR A 206 -15.85 0.58 9.84
C THR A 206 -16.12 -0.67 10.69
N GLU A 207 -16.79 -1.66 10.10
CA GLU A 207 -17.05 -2.92 10.80
C GLU A 207 -16.17 -4.02 10.21
N ASN A 208 -15.20 -4.48 11.02
CA ASN A 208 -14.31 -5.58 10.63
C ASN A 208 -13.43 -5.28 9.41
N SER A 209 -13.23 -4.01 9.12
CA SER A 209 -12.42 -3.61 7.97
C SER A 209 -11.01 -3.24 8.39
N GLY A 210 -10.87 -2.73 9.61
CA GLY A 210 -9.62 -2.13 10.05
C GLY A 210 -9.77 -0.62 10.27
N PHE A 211 -10.70 0.00 9.56
CA PHE A 211 -11.02 1.41 9.82
C PHE A 211 -11.94 1.50 11.03
N THR A 212 -11.67 2.45 11.93
CA THR A 212 -12.58 2.70 13.04
C THR A 212 -12.82 4.20 13.13
N ILE A 213 -13.84 4.60 13.89
CA ILE A 213 -14.08 6.01 14.09
C ILE A 213 -12.84 6.67 14.68
N SER A 214 -12.21 5.98 15.65
N SER A 214 -12.21 6.00 15.65
CA SER A 214 -11.05 6.53 16.31
CA SER A 214 -11.04 6.56 16.30
C SER A 214 -9.86 6.73 15.39
C SER A 214 -9.84 6.74 15.38
N ASN A 215 -9.49 5.70 14.62
CA ASN A 215 -8.29 5.80 13.78
C ASN A 215 -8.50 6.69 12.54
N VAL A 216 -9.73 6.72 12.03
CA VAL A 216 -10.07 7.63 10.93
C VAL A 216 -10.05 9.08 11.41
N MET A 217 -10.65 9.35 12.56
CA MET A 217 -10.65 10.71 13.09
C MET A 217 -9.25 11.20 13.44
N LYS A 218 -8.42 10.32 14.00
CA LYS A 218 -7.05 10.71 14.29
C LYS A 218 -6.33 11.09 12.99
N PHE A 219 -6.47 10.24 11.97
CA PHE A 219 -5.87 10.51 10.67
C PHE A 219 -6.38 11.81 10.04
N ALA A 220 -7.70 11.92 9.94
CA ALA A 220 -8.33 13.06 9.25
C ALA A 220 -8.03 14.37 9.96
N THR A 221 -8.08 14.38 11.29
CA THR A 221 -7.83 15.63 12.00
C THR A 221 -6.36 16.01 11.86
N GLY A 222 -5.49 15.00 11.80
CA GLY A 222 -4.09 15.26 11.50
C GLY A 222 -3.92 15.90 10.14
N ALA A 223 -4.64 15.37 9.14
CA ALA A 223 -4.56 15.87 7.77
C ALA A 223 -5.08 17.31 7.64
N LEU A 224 -5.94 17.73 8.56
CA LEU A 224 -6.47 19.09 8.55
C LEU A 224 -5.37 20.12 8.80
N GLU A 225 -4.25 19.66 9.34
CA GLU A 225 -3.13 20.56 9.61
C GLU A 225 -2.19 20.67 8.41
N HIS A 226 -2.45 19.89 7.37
CA HIS A 226 -1.55 19.89 6.23
C HIS A 226 -1.49 21.26 5.56
N ARG A 227 -0.32 21.61 5.03
CA ARG A 227 -0.14 22.94 4.45
C ARG A 227 -0.92 23.16 3.15
N VAL A 228 -1.32 22.08 2.49
CA VAL A 228 -1.97 22.20 1.19
C VAL A 228 -3.49 22.10 1.27
N TYR A 229 -4.18 23.11 0.76
CA TYR A 229 -5.64 23.16 0.81
C TYR A 229 -6.31 21.89 0.31
N GLU A 230 -5.86 21.38 -0.84
CA GLU A 230 -6.51 20.26 -1.47
C GLU A 230 -6.47 19.01 -0.55
N VAL A 231 -5.38 18.87 0.21
CA VAL A 231 -5.25 17.81 1.20
C VAL A 231 -6.26 17.99 2.34
N ARG A 232 -6.32 19.19 2.90
CA ARG A 232 -7.25 19.48 3.97
C ARG A 232 -8.69 19.25 3.52
N ASP A 233 -8.97 19.57 2.26
CA ASP A 233 -10.33 19.45 1.75
C ASP A 233 -10.79 17.99 1.71
N VAL A 234 -9.89 17.06 1.36
CA VAL A 234 -10.27 15.65 1.40
C VAL A 234 -10.48 15.22 2.85
N ALA A 235 -9.64 15.71 3.76
CA ALA A 235 -9.80 15.40 5.18
C ALA A 235 -11.18 15.85 5.68
N LEU A 236 -11.61 17.03 5.25
CA LEU A 236 -12.95 17.50 5.59
C LEU A 236 -14.03 16.56 5.06
N ARG A 237 -13.90 16.13 3.81
CA ARG A 237 -14.87 15.20 3.23
C ARG A 237 -14.96 13.92 4.02
N ILE A 238 -13.82 13.43 4.51
CA ILE A 238 -13.79 12.21 5.30
C ILE A 238 -14.57 12.43 6.59
N ILE A 239 -14.32 13.55 7.24
CA ILE A 239 -15.00 13.86 8.50
C ILE A 239 -16.49 14.04 8.29
N PHE A 240 -16.89 14.77 7.24
CA PHE A 240 -18.31 14.97 6.96
C PHE A 240 -19.00 13.64 6.70
N GLY A 241 -18.31 12.75 5.99
CA GLY A 241 -18.83 11.42 5.74
C GLY A 241 -19.11 10.67 7.02
N MET A 242 -18.15 10.72 7.93
CA MET A 242 -18.26 10.06 9.23
C MET A 242 -19.37 10.68 10.07
N TYR A 243 -19.46 12.01 10.02
CA TYR A 243 -20.42 12.75 10.83
C TYR A 243 -21.86 12.34 10.53
N ARG A 244 -22.13 12.03 9.28
CA ARG A 244 -23.47 11.62 8.86
C ARG A 244 -23.90 10.35 9.58
N LYS A 245 -22.94 9.48 9.86
CA LYS A 245 -23.20 8.18 10.48
C LYS A 245 -22.97 8.20 11.99
N HIS A 246 -22.03 9.05 12.44
CA HIS A 246 -21.56 8.98 13.82
C HIS A 246 -21.50 10.36 14.45
N LYS A 247 -22.62 11.08 14.40
CA LYS A 247 -22.67 12.47 14.81
C LYS A 247 -22.08 12.72 16.21
N ALA A 248 -22.56 11.97 17.20
CA ALA A 248 -22.14 12.16 18.59
C ALA A 248 -20.64 11.96 18.77
N ALA A 249 -20.13 10.85 18.23
CA ALA A 249 -18.72 10.50 18.37
C ALA A 249 -17.82 11.56 17.74
N ILE A 250 -18.24 12.07 16.59
CA ILE A 250 -17.45 13.08 15.89
C ILE A 250 -17.39 14.37 16.69
N LEU A 251 -18.54 14.84 17.18
CA LEU A 251 -18.58 16.06 17.96
C LEU A 251 -17.80 15.93 19.27
N GLU A 252 -17.80 14.74 19.84
CA GLU A 252 -17.06 14.46 21.06
C GLU A 252 -15.56 14.42 20.81
N TYR A 253 -15.16 14.19 19.57
CA TYR A 253 -13.75 14.09 19.25
C TYR A 253 -13.13 15.46 19.05
N LEU A 254 -13.86 16.30 18.32
CA LEU A 254 -13.33 17.58 17.87
C LEU A 254 -13.32 18.56 19.01
N PRO A 255 -12.53 19.64 18.84
CA PRO A 255 -12.61 20.74 19.79
C PRO A 255 -14.03 21.29 19.82
N PRO A 256 -14.44 21.90 20.94
CA PRO A 256 -15.80 22.43 21.00
C PRO A 256 -15.99 23.66 20.10
N ASP A 257 -17.18 23.79 19.56
CA ASP A 257 -17.50 24.90 18.67
C ASP A 257 -17.66 26.17 19.49
N ASP A 258 -16.97 27.22 19.09
CA ASP A 258 -17.23 28.55 19.65
C ASP A 258 -16.77 29.65 18.71
N ALA A 259 -17.08 30.90 19.08
CA ALA A 259 -16.72 32.04 18.27
C ALA A 259 -15.23 32.12 17.97
N SER A 260 -14.41 31.79 18.97
CA SER A 260 -12.97 31.94 18.82
C SER A 260 -12.42 30.97 17.77
N ILE A 261 -12.88 29.74 17.82
CA ILE A 261 -12.35 28.72 16.92
C ILE A 261 -12.80 28.96 15.48
N ARG A 262 -13.94 29.63 15.30
CA ARG A 262 -14.45 29.93 13.97
C ARG A 262 -13.64 31.02 13.26
N LYS A 263 -12.71 31.65 13.98
CA LYS A 263 -11.79 32.61 13.37
C LYS A 263 -10.84 31.89 12.42
N THR A 264 -10.66 30.59 12.63
CA THR A 264 -9.96 29.76 11.64
C THR A 264 -10.99 29.17 10.68
N VAL A 265 -10.76 29.33 9.39
CA VAL A 265 -11.78 29.04 8.38
C VAL A 265 -12.21 27.57 8.36
N LEU A 266 -11.26 26.67 8.63
CA LEU A 266 -11.55 25.23 8.59
C LEU A 266 -12.68 24.85 9.54
N TYR A 267 -12.63 25.37 10.77
CA TYR A 267 -13.61 25.01 11.79
C TYR A 267 -14.97 25.64 11.55
N LYS A 268 -14.97 26.87 11.02
CA LYS A 268 -16.19 27.47 10.53
C LYS A 268 -16.80 26.55 9.46
N THR A 269 -15.99 26.13 8.48
CA THR A 269 -16.47 25.21 7.45
C THR A 269 -16.98 23.90 8.05
N LEU A 270 -16.21 23.33 8.98
CA LEU A 270 -16.57 22.07 9.61
C LEU A 270 -17.90 22.16 10.35
N PHE A 271 -18.02 23.12 11.27
CA PHE A 271 -19.20 23.22 12.11
C PHE A 271 -20.45 23.70 11.33
N ASP A 272 -20.27 24.66 10.42
CA ASP A 272 -21.36 25.07 9.54
C ASP A 272 -21.83 23.89 8.70
N GLY A 273 -20.86 23.12 8.20
CA GLY A 273 -21.15 21.94 7.41
C GLY A 273 -21.97 20.94 8.20
N PHE A 274 -21.58 20.72 9.47
CA PHE A 274 -22.35 19.84 10.32
C PHE A 274 -23.79 20.31 10.44
N THR A 275 -23.96 21.60 10.68
CA THR A 275 -25.29 22.18 10.83
C THR A 275 -26.08 22.09 9.51
N LYS A 276 -25.38 22.18 8.38
CA LYS A 276 -26.02 21.95 7.07
C LYS A 276 -26.51 20.51 6.94
N ILE A 277 -25.72 19.56 7.44
CA ILE A 277 -26.10 18.15 7.42
C ILE A 277 -27.25 17.89 8.38
#